data_7UEL
#
_entry.id   7UEL
#
_cell.length_a   73.540
_cell.length_b   71.370
_cell.length_c   95.821
_cell.angle_alpha   90.000
_cell.angle_beta   104.940
_cell.angle_gamma   90.000
#
_symmetry.space_group_name_H-M   'I 1 2 1'
#
loop_
_entity.id
_entity.type
_entity.pdbx_description
1 polymer 'Heavy chain Fab of antibody JEC1'
2 polymer 'Light chain Fab of antibody JEC1'
3 non-polymer 'CHLORIDE ION'
4 non-polymer 2-AMINO-2-HYDROXYMETHYL-PROPANE-1,3-DIOL
5 non-polymer 'MAGNESIUM ION'
6 water water
#
loop_
_entity_poly.entity_id
_entity_poly.type
_entity_poly.pdbx_seq_one_letter_code
_entity_poly.pdbx_strand_id
1 'polypeptide(L)'
;EVQLVESGGGLVQPGGSLRLSCAASGFSFSSYWMSWARQAPGKGLEWVANIKEDGSEKYYVDSVKGRFTISRDNAWNSLY
LQMNSLRGEDTAVYYCTRDRGWLTFDYWGQGTLVTVSSASTKGPSVFPLAPSSKSTSGGTAALGCLVKDYFPEPVTVSWN
SGALTSGVHTFPAVLQSSGLYSLSSVVTVPSSSLGTQTYICNVNHKPSNTKVDKKVEPKSCGSHHHHHH
;
H
2 'polypeptide(L)'
;QSALTQPPSASGSPGQSVTISCTGTSSDVGAYNYVSWYQQHPGKAPKLMIYEVNKRPSGVPDRFSGSKSGNTASLTVSGL
QAEDEADYYCGSFAVSSVFGTGTKVTVLGQPKANPTVTLFPPSSEELQANKATLVCLISDFYPGAVTVAWKADGSPVKAG
VETTKPSKQSNNKYAASSYLSLTPEQWKSHRSYSCQVTHEGSTVEKTVAPTECS
;
L
#
loop_
_chem_comp.id
_chem_comp.type
_chem_comp.name
_chem_comp.formula
CL non-polymer 'CHLORIDE ION' 'Cl -1'
MG non-polymer 'MAGNESIUM ION' 'Mg 2'
TRS non-polymer 2-AMINO-2-HYDROXYMETHYL-PROPANE-1,3-DIOL 'C4 H12 N O3 1'
#
# COMPACT_ATOMS: atom_id res chain seq x y z
N GLU A 1 -1.52 26.97 17.64
CA GLU A 1 -1.33 25.68 16.96
C GLU A 1 -1.61 25.79 15.49
N VAL A 2 -0.70 25.22 14.70
CA VAL A 2 -0.90 25.13 13.27
C VAL A 2 -1.92 24.06 12.98
N GLN A 3 -2.93 24.41 12.20
CA GLN A 3 -3.89 23.39 11.82
C GLN A 3 -4.18 23.51 10.34
N LEU A 4 -4.24 22.37 9.64
CA LEU A 4 -4.55 22.32 8.23
C LEU A 4 -5.69 21.33 8.09
N VAL A 5 -6.74 21.69 7.38
CA VAL A 5 -7.90 20.83 7.26
C VAL A 5 -8.28 20.74 5.78
N GLU A 6 -8.15 19.55 5.19
CA GLU A 6 -8.57 19.37 3.81
C GLU A 6 -10.06 19.09 3.75
N SER A 7 -10.67 19.46 2.63
CA SER A 7 -11.98 18.94 2.27
C SER A 7 -12.02 18.79 0.75
N GLY A 8 -13.06 18.11 0.27
CA GLY A 8 -13.32 18.00 -1.15
C GLY A 8 -13.01 16.63 -1.72
N GLY A 9 -12.49 15.70 -0.93
CA GLY A 9 -12.27 14.35 -1.44
C GLY A 9 -13.57 13.61 -1.69
N GLY A 10 -13.49 12.58 -2.52
CA GLY A 10 -14.67 11.84 -2.89
C GLY A 10 -14.38 10.95 -4.10
N LEU A 11 -15.46 10.36 -4.61
CA LEU A 11 -15.39 9.53 -5.81
C LEU A 11 -15.59 10.44 -7.01
N VAL A 12 -14.70 10.32 -8.00
CA VAL A 12 -14.83 11.01 -9.28
C VAL A 12 -14.43 10.05 -10.38
N GLN A 13 -15.06 10.23 -11.61
CA GLN A 13 -14.78 9.24 -12.65
C GLN A 13 -13.58 9.68 -13.51
N PRO A 14 -12.87 8.73 -14.12
CA PRO A 14 -11.76 9.09 -15.01
C PRO A 14 -12.17 10.17 -16.00
N GLY A 15 -11.19 10.97 -16.44
CA GLY A 15 -11.48 12.17 -17.21
C GLY A 15 -12.15 13.29 -16.44
N GLY A 16 -12.65 13.02 -15.22
CA GLY A 16 -13.37 14.00 -14.44
C GLY A 16 -12.48 15.02 -13.75
N SER A 17 -13.15 15.94 -13.07
CA SER A 17 -12.50 17.03 -12.36
C SER A 17 -12.88 17.00 -10.89
N LEU A 18 -12.02 17.57 -10.04
CA LEU A 18 -12.30 17.65 -8.62
C LEU A 18 -11.45 18.75 -8.02
N ARG A 19 -12.06 19.59 -7.20
CA ARG A 19 -11.36 20.64 -6.45
C ARG A 19 -11.20 20.26 -4.97
N LEU A 20 -9.95 20.22 -4.51
CA LEU A 20 -9.63 20.14 -3.10
C LEU A 20 -9.38 21.53 -2.54
N SER A 21 -9.63 21.67 -1.24
CA SER A 21 -9.41 22.91 -0.54
C SER A 21 -8.81 22.60 0.83
N CYS A 22 -8.11 23.59 1.37
CA CYS A 22 -7.46 23.42 2.64
C CYS A 22 -7.60 24.70 3.42
N ALA A 23 -8.03 24.59 4.66
CA ALA A 23 -8.24 25.72 5.54
C ALA A 23 -7.09 25.73 6.54
N ALA A 24 -6.26 26.76 6.50
CA ALA A 24 -5.10 26.82 7.37
C ALA A 24 -5.34 27.85 8.47
N SER A 25 -4.78 27.60 9.64
CA SER A 25 -4.87 28.51 10.77
C SER A 25 -3.67 28.30 11.69
N GLY A 26 -3.41 29.28 12.54
CA GLY A 26 -2.40 29.14 13.56
C GLY A 26 -1.03 29.66 13.18
N PHE A 27 -0.91 30.28 12.02
CA PHE A 27 0.37 30.82 11.58
C PHE A 27 0.07 31.86 10.54
N SER A 28 1.10 32.62 10.16
CA SER A 28 0.98 33.60 9.09
C SER A 28 0.92 32.89 7.75
N PHE A 29 -0.29 32.49 7.35
CA PHE A 29 -0.45 31.73 6.11
C PHE A 29 0.25 32.43 4.95
N SER A 30 0.03 33.72 4.81
CA SER A 30 0.61 34.41 3.66
C SER A 30 2.11 34.57 3.78
N SER A 31 2.74 34.09 4.84
CA SER A 31 4.20 34.11 4.88
C SER A 31 4.82 32.81 4.39
N TYR A 32 4.02 31.79 4.08
CA TYR A 32 4.56 30.47 3.83
C TYR A 32 4.21 29.93 2.46
N TRP A 33 5.15 29.25 1.84
CA TRP A 33 4.81 28.35 0.76
C TRP A 33 3.87 27.29 1.31
N MET A 34 2.95 26.82 0.47
CA MET A 34 2.07 25.71 0.82
C MET A 34 2.20 24.64 -0.26
N SER A 35 1.87 23.40 0.10
CA SER A 35 2.11 22.28 -0.81
C SER A 35 1.02 21.23 -0.62
N TRP A 36 0.75 20.49 -1.69
CA TRP A 36 -0.08 19.30 -1.64
C TRP A 36 0.81 18.07 -1.85
N ALA A 37 0.58 17.04 -1.04
CA ALA A 37 1.21 15.74 -1.22
C ALA A 37 0.10 14.72 -1.32
N ARG A 38 0.41 13.51 -1.79
CA ARG A 38 -0.63 12.50 -1.90
C ARG A 38 -0.04 11.12 -1.66
N GLN A 39 -0.94 10.15 -1.49
CA GLN A 39 -0.54 8.80 -1.12
C GLN A 39 -1.62 7.83 -1.56
N ALA A 40 -1.31 7.02 -2.58
CA ALA A 40 -2.23 5.97 -2.98
C ALA A 40 -2.35 4.98 -1.83
N PRO A 41 -3.52 4.39 -1.65
CA PRO A 41 -3.74 3.53 -0.46
C PRO A 41 -2.71 2.41 -0.36
N GLY A 42 -2.16 2.26 0.85
CA GLY A 42 -1.10 1.29 1.12
C GLY A 42 0.21 1.54 0.38
N LYS A 43 0.40 2.71 -0.25
CA LYS A 43 1.59 3.05 -1.03
C LYS A 43 2.34 4.23 -0.39
N GLY A 44 3.40 4.68 -1.07
CA GLY A 44 4.26 5.71 -0.54
C GLY A 44 3.76 7.13 -0.83
N LEU A 45 4.43 8.09 -0.20
CA LEU A 45 4.08 9.48 -0.39
C LEU A 45 4.64 10.00 -1.70
N GLU A 46 3.92 10.97 -2.26
CA GLU A 46 4.29 11.63 -3.50
C GLU A 46 3.95 13.10 -3.39
N TRP A 47 4.92 13.96 -3.67
CA TRP A 47 4.64 15.38 -3.74
C TRP A 47 3.76 15.68 -4.93
N VAL A 48 2.88 16.67 -4.80
CA VAL A 48 1.95 16.94 -5.89
C VAL A 48 2.21 18.33 -6.44
N ALA A 49 2.08 19.36 -5.60
CA ALA A 49 2.27 20.72 -6.08
C ALA A 49 2.59 21.65 -4.92
N ASN A 50 3.18 22.80 -5.25
N ASN A 50 3.26 22.77 -5.21
CA ASN A 50 3.66 23.79 -4.29
CA ASN A 50 3.42 23.77 -4.16
C ASN A 50 3.31 25.17 -4.81
C ASN A 50 3.14 25.14 -4.76
N ILE A 51 3.22 26.15 -3.91
CA ILE A 51 2.84 27.50 -4.32
C ILE A 51 3.47 28.51 -3.38
N LYS A 52 4.04 29.55 -3.98
CA LYS A 52 4.82 30.49 -3.22
C LYS A 52 3.90 31.29 -2.31
N GLU A 53 4.51 31.95 -1.31
CA GLU A 53 3.74 32.66 -0.28
C GLU A 53 2.72 33.61 -0.90
N ASP A 54 3.11 34.34 -1.94
CA ASP A 54 2.21 35.28 -2.60
C ASP A 54 1.54 34.69 -3.83
N GLY A 55 1.74 33.39 -4.10
CA GLY A 55 1.13 32.77 -5.26
C GLY A 55 1.80 33.05 -6.59
N SER A 56 2.93 33.77 -6.60
CA SER A 56 3.57 34.14 -7.87
C SER A 56 4.26 32.96 -8.54
N GLU A 57 4.43 31.84 -7.84
CA GLU A 57 5.03 30.66 -8.44
C GLU A 57 4.26 29.43 -7.99
N LYS A 58 3.92 28.57 -8.96
CA LYS A 58 3.23 27.32 -8.73
C LYS A 58 4.08 26.25 -9.40
N TYR A 59 4.14 25.06 -8.82
CA TYR A 59 4.92 23.97 -9.37
C TYR A 59 4.21 22.65 -9.14
N TYR A 60 4.38 21.71 -10.06
CA TYR A 60 3.63 20.47 -10.06
C TYR A 60 4.58 19.31 -10.31
N VAL A 61 4.28 18.12 -9.74
CA VAL A 61 5.00 16.90 -10.19
C VAL A 61 4.57 16.55 -11.59
N ASP A 62 5.45 15.80 -12.28
CA ASP A 62 5.26 15.53 -13.70
C ASP A 62 3.94 14.84 -13.95
N SER A 63 3.54 13.94 -13.06
CA SER A 63 2.32 13.18 -13.27
C SER A 63 1.10 14.08 -13.33
N VAL A 64 1.15 15.24 -12.71
CA VAL A 64 -0.01 16.12 -12.68
C VAL A 64 0.23 17.41 -13.42
N LYS A 65 1.48 17.71 -13.82
CA LYS A 65 1.78 18.90 -14.61
C LYS A 65 0.78 19.06 -15.73
N GLY A 66 0.03 20.15 -15.69
CA GLY A 66 -0.90 20.51 -16.72
C GLY A 66 -2.30 19.96 -16.55
N ARG A 67 -2.48 18.95 -15.70
CA ARG A 67 -3.81 18.51 -15.30
C ARG A 67 -4.29 19.18 -14.02
N PHE A 68 -3.38 19.44 -13.09
CA PHE A 68 -3.72 19.97 -11.79
C PHE A 68 -3.29 21.42 -11.72
N THR A 69 -4.11 22.27 -11.08
CA THR A 69 -3.72 23.65 -10.80
C THR A 69 -3.88 23.89 -9.30
N ILE A 70 -2.83 24.45 -8.68
CA ILE A 70 -2.80 24.81 -7.27
C ILE A 70 -3.01 26.30 -7.18
N SER A 71 -3.76 26.73 -6.18
CA SER A 71 -3.98 28.15 -5.97
C SER A 71 -4.11 28.38 -4.48
N ARG A 72 -3.94 29.63 -4.08
CA ARG A 72 -4.10 30.00 -2.67
C ARG A 72 -4.84 31.33 -2.57
N ASP A 73 -5.43 31.54 -1.40
CA ASP A 73 -6.18 32.75 -1.09
C ASP A 73 -5.65 33.20 0.28
N ASN A 74 -4.75 34.19 0.25
CA ASN A 74 -4.03 34.57 1.47
C ASN A 74 -4.94 35.28 2.47
N ALA A 75 -5.91 36.04 1.98
CA ALA A 75 -6.85 36.67 2.90
C ALA A 75 -7.75 35.65 3.57
N TRP A 76 -8.05 34.52 2.93
CA TRP A 76 -8.94 33.53 3.54
C TRP A 76 -8.19 32.29 4.03
N ASN A 77 -6.87 32.36 4.15
CA ASN A 77 -6.06 31.27 4.68
C ASN A 77 -6.45 29.93 4.06
N SER A 78 -6.54 29.91 2.72
CA SER A 78 -7.03 28.74 2.02
C SER A 78 -6.11 28.36 0.87
N LEU A 79 -5.90 27.07 0.72
CA LEU A 79 -5.08 26.47 -0.32
C LEU A 79 -5.95 25.52 -1.14
N TYR A 80 -5.79 25.53 -2.47
CA TYR A 80 -6.65 24.75 -3.34
C TYR A 80 -5.81 23.87 -4.26
N LEU A 81 -6.41 22.76 -4.70
CA LEU A 81 -5.84 21.93 -5.75
C LEU A 81 -6.97 21.58 -6.71
N GLN A 82 -6.94 22.18 -7.90
CA GLN A 82 -7.91 21.87 -8.95
C GLN A 82 -7.38 20.69 -9.73
N MET A 83 -8.10 19.58 -9.70
CA MET A 83 -7.67 18.37 -10.36
C MET A 83 -8.54 18.14 -11.58
N ASN A 84 -7.89 17.95 -12.73
CA ASN A 84 -8.59 17.69 -13.97
C ASN A 84 -7.95 16.51 -14.68
N SER A 85 -8.67 15.96 -15.65
CA SER A 85 -8.23 14.81 -16.42
C SER A 85 -7.77 13.72 -15.48
N LEU A 86 -8.63 13.43 -14.50
CA LEU A 86 -8.28 12.52 -13.44
C LEU A 86 -8.24 11.08 -13.95
N ARG A 87 -7.47 10.27 -13.25
CA ARG A 87 -7.17 8.92 -13.65
C ARG A 87 -7.14 8.05 -12.42
N GLY A 88 -7.28 6.74 -12.63
CA GLY A 88 -7.13 5.79 -11.54
C GLY A 88 -5.80 5.93 -10.81
N GLU A 89 -4.73 6.24 -11.54
CA GLU A 89 -3.43 6.48 -10.92
C GLU A 89 -3.53 7.52 -9.80
N ASP A 90 -4.45 8.48 -9.93
CA ASP A 90 -4.61 9.60 -9.02
C ASP A 90 -5.41 9.27 -7.77
N THR A 91 -5.98 8.09 -7.69
CA THR A 91 -6.61 7.65 -6.46
C THR A 91 -5.59 7.69 -5.34
N ALA A 92 -5.87 8.49 -4.32
CA ALA A 92 -4.88 8.76 -3.30
C ALA A 92 -5.56 9.51 -2.17
N VAL A 93 -4.96 9.43 -1.00
CA VAL A 93 -5.20 10.43 0.01
C VAL A 93 -4.33 11.64 -0.32
N TYR A 94 -4.96 12.81 -0.38
CA TYR A 94 -4.29 14.05 -0.67
C TYR A 94 -4.14 14.82 0.63
N TYR A 95 -2.94 15.30 0.90
CA TYR A 95 -2.65 16.04 2.12
C TYR A 95 -2.33 17.48 1.80
N CYS A 96 -2.95 18.38 2.57
CA CYS A 96 -2.53 19.76 2.62
C CYS A 96 -1.32 19.89 3.55
N THR A 97 -0.31 20.61 3.11
CA THR A 97 0.89 20.69 3.92
C THR A 97 1.43 22.11 3.87
N ARG A 98 2.09 22.49 4.96
CA ARG A 98 2.84 23.73 4.96
C ARG A 98 4.28 23.45 4.58
N ASP A 99 4.80 24.20 3.61
CA ASP A 99 6.16 24.08 3.16
C ASP A 99 6.96 25.20 3.83
N ARG A 100 7.81 24.86 4.79
CA ARG A 100 8.64 25.85 5.44
C ARG A 100 9.88 26.20 4.63
N GLY A 101 10.07 25.59 3.47
CA GLY A 101 11.12 26.03 2.57
C GLY A 101 11.86 24.85 2.00
N TRP A 102 12.06 24.84 0.69
CA TRP A 102 12.79 23.76 0.04
C TRP A 102 12.05 22.43 0.23
N LEU A 103 10.76 22.45 -0.05
CA LEU A 103 9.93 21.25 -0.14
C LEU A 103 10.07 20.44 1.16
N THR A 104 9.86 21.15 2.26
CA THR A 104 9.94 20.64 3.62
C THR A 104 8.59 20.89 4.27
N PHE A 105 7.87 19.84 4.59
CA PHE A 105 6.47 19.99 4.91
C PHE A 105 6.39 19.78 6.41
N ASP A 106 6.39 20.92 7.17
CA ASP A 106 6.46 20.77 8.63
C ASP A 106 5.10 20.56 9.28
N TYR A 107 4.02 20.80 8.56
CA TYR A 107 2.70 20.54 9.09
C TYR A 107 1.88 19.98 7.97
N TRP A 108 1.02 19.03 8.32
CA TRP A 108 0.23 18.20 7.43
C TRP A 108 -1.20 18.15 7.91
N GLY A 109 -2.13 18.25 6.99
CA GLY A 109 -3.52 18.02 7.33
C GLY A 109 -3.73 16.53 7.51
N GLN A 110 -4.97 16.18 7.85
CA GLN A 110 -5.31 14.79 8.08
C GLN A 110 -5.48 14.03 6.78
N GLY A 111 -5.65 14.74 5.68
CA GLY A 111 -5.72 14.09 4.39
C GLY A 111 -7.14 13.87 3.97
N THR A 112 -7.38 13.88 2.65
CA THR A 112 -8.70 13.60 2.13
C THR A 112 -8.57 12.63 0.97
N LEU A 113 -9.40 11.59 0.97
CA LEU A 113 -9.30 10.51 0.01
C LEU A 113 -10.00 10.93 -1.27
N VAL A 114 -9.29 10.83 -2.38
CA VAL A 114 -9.88 10.94 -3.70
C VAL A 114 -9.83 9.56 -4.35
N THR A 115 -10.97 9.04 -4.78
CA THR A 115 -11.00 7.77 -5.47
C THR A 115 -11.44 8.01 -6.89
N VAL A 116 -10.64 7.60 -7.85
CA VAL A 116 -10.96 7.83 -9.25
C VAL A 116 -11.34 6.50 -9.85
N SER A 117 -12.62 6.35 -10.19
CA SER A 117 -13.16 5.10 -10.72
C SER A 117 -14.42 5.41 -11.50
N SER A 118 -14.62 4.71 -12.62
CA SER A 118 -15.85 4.85 -13.36
C SER A 118 -16.89 3.86 -12.90
N ALA A 119 -16.64 3.20 -11.79
CA ALA A 119 -17.47 2.09 -11.37
C ALA A 119 -18.78 2.59 -10.77
N SER A 120 -19.84 1.83 -11.00
CA SER A 120 -21.07 1.92 -10.23
C SER A 120 -21.15 0.73 -9.28
N THR A 121 -22.11 0.82 -8.36
CA THR A 121 -22.30 -0.26 -7.40
C THR A 121 -22.37 -1.60 -8.13
N LYS A 122 -21.54 -2.55 -7.70
CA LYS A 122 -21.47 -3.84 -8.39
C LYS A 122 -21.17 -4.88 -7.34
N GLY A 123 -21.93 -5.98 -7.33
CA GLY A 123 -21.65 -7.07 -6.43
C GLY A 123 -20.43 -7.83 -6.90
N PRO A 124 -19.84 -8.63 -6.05
CA PRO A 124 -18.60 -9.30 -6.42
C PRO A 124 -18.86 -10.61 -7.15
N SER A 125 -17.84 -11.03 -7.90
CA SER A 125 -17.78 -12.37 -8.45
C SER A 125 -16.78 -13.12 -7.62
N VAL A 126 -17.17 -14.26 -7.07
CA VAL A 126 -16.35 -14.97 -6.12
C VAL A 126 -15.83 -16.23 -6.80
N PHE A 127 -14.53 -16.43 -6.75
CA PHE A 127 -13.91 -17.60 -7.34
C PHE A 127 -13.19 -18.40 -6.25
N PRO A 128 -13.21 -19.71 -6.33
CA PRO A 128 -12.58 -20.52 -5.28
C PRO A 128 -11.08 -20.51 -5.46
N LEU A 129 -10.35 -20.51 -4.35
CA LEU A 129 -8.93 -20.74 -4.35
C LEU A 129 -8.77 -22.14 -3.76
N ALA A 130 -8.77 -23.12 -4.63
CA ALA A 130 -8.87 -24.50 -4.17
C ALA A 130 -7.55 -24.91 -3.56
N PRO A 131 -7.56 -25.79 -2.56
CA PRO A 131 -6.30 -26.18 -1.92
C PRO A 131 -5.39 -26.91 -2.88
N SER A 132 -4.07 -26.74 -2.67
CA SER A 132 -3.09 -27.39 -3.53
C SER A 132 -3.33 -28.89 -3.56
N SER A 133 -3.24 -29.47 -4.76
CA SER A 133 -3.33 -30.93 -4.90
C SER A 133 -2.15 -31.65 -4.25
N LYS A 134 -1.09 -30.90 -3.90
CA LYS A 134 0.05 -31.41 -3.12
C LYS A 134 -0.23 -31.36 -1.63
N SER A 135 -0.60 -30.17 -1.11
CA SER A 135 -1.06 -30.06 0.28
C SER A 135 -2.16 -31.04 0.60
N THR A 136 -2.82 -31.61 -0.42
CA THR A 136 -3.96 -32.50 -0.22
C THR A 136 -3.55 -33.85 0.38
N SER A 137 -2.27 -34.19 0.33
CA SER A 137 -1.84 -35.51 0.80
C SER A 137 -1.90 -35.65 2.32
N GLY A 138 -2.07 -34.57 3.06
CA GLY A 138 -2.09 -34.64 4.51
C GLY A 138 -1.59 -33.34 5.12
N GLY A 139 -1.54 -33.34 6.46
CA GLY A 139 -1.15 -32.12 7.18
C GLY A 139 -2.27 -31.09 7.10
N THR A 140 -1.91 -29.87 6.69
CA THR A 140 -2.85 -28.77 6.47
C THR A 140 -2.84 -28.30 5.03
N ALA A 141 -3.91 -27.57 4.64
CA ALA A 141 -4.00 -27.02 3.28
C ALA A 141 -4.64 -25.66 3.37
N ALA A 142 -4.14 -24.71 2.56
CA ALA A 142 -4.73 -23.38 2.51
C ALA A 142 -5.78 -23.39 1.42
N LEU A 143 -6.94 -22.83 1.71
CA LEU A 143 -7.92 -22.66 0.64
C LEU A 143 -8.59 -21.33 0.88
N GLY A 144 -9.26 -20.83 -0.14
CA GLY A 144 -9.74 -19.48 0.04
C GLY A 144 -10.75 -19.12 -1.00
N CYS A 145 -11.08 -17.84 -1.00
N CYS A 145 -11.13 -17.85 -1.01
CA CYS A 145 -11.99 -17.28 -1.99
CA CYS A 145 -12.01 -17.33 -2.03
C CYS A 145 -11.36 -16.01 -2.53
C CYS A 145 -11.46 -16.00 -2.52
N LEU A 146 -11.45 -15.85 -3.84
CA LEU A 146 -11.03 -14.65 -4.51
C LEU A 146 -12.29 -13.86 -4.77
N VAL A 147 -12.41 -12.69 -4.20
CA VAL A 147 -13.64 -11.90 -4.25
C VAL A 147 -13.33 -10.74 -5.18
N LYS A 148 -13.84 -10.79 -6.40
CA LYS A 148 -13.37 -9.94 -7.49
C LYS A 148 -14.40 -8.90 -7.89
N ASP A 149 -13.88 -7.75 -8.32
CA ASP A 149 -14.63 -6.85 -9.19
C ASP A 149 -15.92 -6.35 -8.53
N TYR A 150 -15.79 -5.83 -7.31
CA TYR A 150 -16.95 -5.25 -6.68
C TYR A 150 -16.72 -3.75 -6.40
N PHE A 151 -17.82 -3.07 -6.10
CA PHE A 151 -17.78 -1.64 -5.86
C PHE A 151 -19.07 -1.23 -5.19
N PRO A 152 -19.03 -0.37 -4.18
CA PRO A 152 -17.86 0.12 -3.46
C PRO A 152 -17.40 -0.87 -2.45
N GLU A 153 -16.37 -0.52 -1.70
CA GLU A 153 -16.11 -1.24 -0.48
C GLU A 153 -17.25 -1.06 0.48
N PRO A 154 -17.38 -1.95 1.49
CA PRO A 154 -16.64 -3.15 1.80
C PRO A 154 -17.39 -4.43 1.44
N VAL A 155 -16.65 -5.54 1.32
CA VAL A 155 -17.26 -6.85 1.45
C VAL A 155 -16.83 -7.38 2.80
N THR A 156 -17.66 -8.23 3.40
CA THR A 156 -17.20 -9.03 4.53
C THR A 156 -17.21 -10.49 4.11
N VAL A 157 -16.34 -11.29 4.72
CA VAL A 157 -16.25 -12.69 4.37
C VAL A 157 -16.32 -13.52 5.64
N SER A 158 -17.20 -14.47 5.66
CA SER A 158 -17.17 -15.46 6.72
C SER A 158 -16.94 -16.80 6.07
N TRP A 159 -16.66 -17.80 6.89
CA TRP A 159 -16.47 -19.16 6.43
C TRP A 159 -17.43 -20.08 7.15
N ASN A 160 -18.07 -20.98 6.40
CA ASN A 160 -19.08 -21.87 6.96
C ASN A 160 -20.03 -21.13 7.89
N SER A 161 -20.51 -19.98 7.39
CA SER A 161 -21.53 -19.17 8.04
C SER A 161 -21.09 -18.77 9.43
N GLY A 162 -19.79 -18.65 9.64
CA GLY A 162 -19.27 -18.21 10.92
C GLY A 162 -18.84 -19.34 11.82
N ALA A 163 -19.09 -20.57 11.42
CA ALA A 163 -18.62 -21.68 12.22
C ALA A 163 -17.12 -21.86 12.10
N LEU A 164 -16.45 -21.23 11.11
CA LEU A 164 -15.02 -21.46 10.91
C LEU A 164 -14.33 -20.12 11.02
N THR A 165 -13.52 -19.93 12.06
CA THR A 165 -12.89 -18.63 12.28
C THR A 165 -11.40 -18.81 12.48
N SER A 166 -11.00 -19.95 13.04
CA SER A 166 -9.58 -20.19 13.31
C SER A 166 -8.78 -20.30 12.02
N GLY A 167 -7.71 -19.55 11.95
CA GLY A 167 -6.86 -19.67 10.79
C GLY A 167 -7.43 -19.00 9.58
N VAL A 168 -8.45 -18.17 9.75
CA VAL A 168 -9.03 -17.36 8.68
C VAL A 168 -8.26 -16.05 8.59
N HIS A 169 -7.95 -15.61 7.38
CA HIS A 169 -7.45 -14.24 7.24
C HIS A 169 -8.11 -13.66 6.01
N THR A 170 -8.79 -12.55 6.18
CA THR A 170 -9.34 -11.85 5.06
C THR A 170 -8.48 -10.62 4.80
N PHE A 171 -7.95 -10.53 3.60
CA PHE A 171 -7.00 -9.49 3.28
C PHE A 171 -7.72 -8.20 2.98
N PRO A 172 -6.99 -7.08 3.02
CA PRO A 172 -7.52 -5.82 2.49
C PRO A 172 -7.71 -5.92 1.00
N ALA A 173 -8.51 -5.00 0.48
CA ALA A 173 -8.85 -4.97 -0.93
C ALA A 173 -7.80 -4.17 -1.72
N VAL A 174 -7.61 -4.56 -2.98
CA VAL A 174 -6.89 -3.75 -3.93
C VAL A 174 -7.93 -3.09 -4.83
N LEU A 175 -7.63 -1.87 -5.28
CA LEU A 175 -8.38 -1.20 -6.33
C LEU A 175 -7.67 -1.52 -7.63
N GLN A 176 -8.30 -2.29 -8.51
CA GLN A 176 -7.68 -2.65 -9.76
C GLN A 176 -7.83 -1.49 -10.75
N SER A 177 -7.08 -1.56 -11.86
CA SER A 177 -7.13 -0.51 -12.88
C SER A 177 -8.50 -0.38 -13.48
N SER A 178 -9.29 -1.45 -13.43
CA SER A 178 -10.68 -1.44 -13.88
C SER A 178 -11.54 -0.44 -13.12
N GLY A 179 -11.10 0.04 -11.96
CA GLY A 179 -11.92 0.81 -11.08
C GLY A 179 -12.67 0.02 -10.01
N LEU A 180 -12.51 -1.31 -9.97
CA LEU A 180 -13.24 -2.18 -9.06
C LEU A 180 -12.29 -2.81 -8.05
N TYR A 181 -12.81 -3.13 -6.86
CA TYR A 181 -12.00 -3.73 -5.82
C TYR A 181 -12.00 -5.26 -5.92
N SER A 182 -10.92 -5.87 -5.45
CA SER A 182 -10.84 -7.30 -5.20
C SER A 182 -10.16 -7.55 -3.87
N LEU A 183 -10.53 -8.64 -3.24
CA LEU A 183 -9.78 -9.11 -2.10
C LEU A 183 -9.80 -10.62 -2.10
N SER A 184 -9.05 -11.20 -1.17
CA SER A 184 -9.09 -12.63 -0.97
C SER A 184 -9.29 -12.89 0.52
N SER A 185 -9.85 -14.05 0.82
CA SER A 185 -9.95 -14.59 2.16
C SER A 185 -9.41 -16.00 2.10
N VAL A 186 -8.62 -16.37 3.07
CA VAL A 186 -7.96 -17.67 3.04
C VAL A 186 -8.17 -18.31 4.41
N VAL A 187 -8.20 -19.63 4.42
CA VAL A 187 -8.26 -20.35 5.69
C VAL A 187 -7.40 -21.59 5.54
N THR A 188 -6.67 -21.93 6.60
CA THR A 188 -5.92 -23.19 6.65
C THR A 188 -6.74 -24.24 7.37
N VAL A 189 -6.91 -25.41 6.74
CA VAL A 189 -7.74 -26.48 7.30
C VAL A 189 -6.93 -27.76 7.33
N PRO A 190 -7.38 -28.76 8.09
CA PRO A 190 -6.74 -30.08 8.01
C PRO A 190 -7.00 -30.71 6.66
N SER A 191 -5.92 -31.14 6.01
CA SER A 191 -6.03 -31.84 4.73
C SER A 191 -6.96 -33.04 4.80
N SER A 192 -6.95 -33.75 5.92
CA SER A 192 -7.83 -34.90 6.09
C SER A 192 -9.30 -34.49 6.08
N SER A 193 -9.60 -33.21 6.31
CA SER A 193 -10.98 -32.76 6.20
C SER A 193 -11.44 -32.53 4.75
N LEU A 194 -10.53 -32.51 3.77
CA LEU A 194 -10.89 -32.00 2.45
C LEU A 194 -11.90 -32.87 1.71
N GLY A 195 -12.04 -34.14 2.04
CA GLY A 195 -12.96 -34.95 1.31
C GLY A 195 -14.29 -35.13 2.02
N THR A 196 -14.35 -34.64 3.26
CA THR A 196 -15.54 -34.81 4.11
C THR A 196 -16.13 -33.49 4.58
N GLN A 197 -15.32 -32.49 4.90
CA GLN A 197 -15.82 -31.21 5.39
C GLN A 197 -16.02 -30.26 4.20
N THR A 198 -17.23 -29.73 4.04
CA THR A 198 -17.42 -28.71 3.02
C THR A 198 -16.97 -27.34 3.55
N TYR A 199 -16.33 -26.57 2.68
CA TYR A 199 -15.82 -25.26 3.04
C TYR A 199 -16.49 -24.27 2.12
N ILE A 200 -17.15 -23.29 2.73
CA ILE A 200 -17.95 -22.31 2.02
C ILE A 200 -17.57 -20.93 2.51
N CYS A 201 -17.18 -20.04 1.59
N CYS A 201 -17.31 -20.02 1.59
CA CYS A 201 -16.96 -18.66 2.00
CA CYS A 201 -16.93 -18.66 1.92
C CYS A 201 -18.25 -17.92 1.74
C CYS A 201 -18.12 -17.74 1.65
N ASN A 202 -18.65 -17.11 2.72
CA ASN A 202 -19.87 -16.31 2.66
C ASN A 202 -19.43 -14.88 2.51
N VAL A 203 -19.68 -14.33 1.32
CA VAL A 203 -19.22 -13.00 0.93
C VAL A 203 -20.43 -12.13 0.95
N ASN A 204 -20.45 -11.15 1.84
CA ASN A 204 -21.56 -10.21 1.90
C ASN A 204 -21.08 -8.87 1.38
N HIS A 205 -21.80 -8.33 0.41
CA HIS A 205 -21.56 -7.00 -0.16
C HIS A 205 -22.82 -6.18 0.05
N LYS A 206 -22.95 -5.58 1.24
CA LYS A 206 -24.14 -4.79 1.52
C LYS A 206 -24.45 -3.69 0.51
N PRO A 207 -23.48 -2.93 -0.02
CA PRO A 207 -23.85 -1.86 -0.98
C PRO A 207 -24.68 -2.35 -2.13
N SER A 208 -24.47 -3.59 -2.59
CA SER A 208 -25.28 -4.15 -3.64
C SER A 208 -26.32 -5.12 -3.12
N ASN A 209 -26.46 -5.28 -1.80
CA ASN A 209 -27.45 -6.22 -1.25
C ASN A 209 -27.20 -7.63 -1.78
N THR A 210 -25.94 -7.94 -2.03
CA THR A 210 -25.56 -9.20 -2.63
C THR A 210 -24.87 -10.03 -1.57
N LYS A 211 -25.23 -11.32 -1.50
CA LYS A 211 -24.48 -12.27 -0.69
C LYS A 211 -24.15 -13.45 -1.59
N VAL A 212 -22.90 -13.90 -1.58
CA VAL A 212 -22.52 -15.05 -2.38
C VAL A 212 -21.96 -16.08 -1.43
N ASP A 213 -22.40 -17.32 -1.54
CA ASP A 213 -21.78 -18.39 -0.77
C ASP A 213 -21.13 -19.29 -1.77
N LYS A 214 -19.81 -19.39 -1.71
CA LYS A 214 -19.08 -20.15 -2.71
C LYS A 214 -18.49 -21.37 -2.01
N LYS A 215 -18.82 -22.54 -2.51
CA LYS A 215 -18.22 -23.76 -2.01
C LYS A 215 -16.83 -23.90 -2.62
N VAL A 216 -15.83 -24.14 -1.80
CA VAL A 216 -14.46 -24.24 -2.26
C VAL A 216 -14.07 -25.71 -2.16
N GLU A 217 -13.89 -26.35 -3.32
CA GLU A 217 -13.66 -27.78 -3.40
C GLU A 217 -12.24 -28.10 -3.84
N PRO A 218 -11.68 -29.23 -3.38
CA PRO A 218 -10.44 -29.73 -3.97
C PRO A 218 -10.57 -29.88 -5.48
N LYS A 219 -9.46 -29.66 -6.17
CA LYS A 219 -9.44 -29.70 -7.63
C LYS A 219 -9.49 -31.14 -8.12
N SER A 220 -10.21 -31.35 -9.23
CA SER A 220 -10.29 -32.67 -9.84
C SER A 220 -8.90 -33.25 -10.08
N CYS A 221 -8.07 -32.50 -10.80
CA CYS A 221 -6.68 -32.86 -11.01
C CYS A 221 -6.00 -33.11 -9.66
N ALA B 3 13.37 7.74 -6.79
CA ALA B 3 14.68 8.35 -6.97
C ALA B 3 15.47 8.37 -5.65
N LEU B 4 14.80 8.67 -4.52
CA LEU B 4 15.42 8.58 -3.20
C LEU B 4 15.17 7.18 -2.66
N THR B 5 16.23 6.42 -2.47
CA THR B 5 16.10 5.00 -2.16
C THR B 5 16.32 4.77 -0.67
N GLN B 6 15.39 4.05 -0.05
CA GLN B 6 15.46 3.66 1.33
C GLN B 6 15.38 2.14 1.41
N PRO B 7 16.03 1.53 2.39
CA PRO B 7 15.74 0.13 2.69
C PRO B 7 14.26 -0.04 2.96
N PRO B 8 13.69 -1.16 2.52
CA PRO B 8 12.25 -1.35 2.71
C PRO B 8 11.88 -1.54 4.14
N SER B 9 12.80 -1.98 5.00
CA SER B 9 12.44 -2.23 6.38
C SER B 9 13.68 -2.13 7.25
N ALA B 10 13.44 -1.96 8.55
CA ALA B 10 14.53 -1.88 9.52
C ALA B 10 13.86 -2.19 10.84
N SER B 11 14.65 -2.64 11.81
CA SER B 11 14.00 -2.98 13.07
C SER B 11 15.02 -2.93 14.19
N GLY B 12 14.50 -2.88 15.41
CA GLY B 12 15.30 -2.96 16.62
C GLY B 12 14.34 -3.27 17.74
N SER B 13 14.88 -3.79 18.84
CA SER B 13 14.06 -4.05 20.01
C SER B 13 13.92 -2.74 20.76
N PRO B 14 12.93 -2.63 21.64
CA PRO B 14 12.84 -1.42 22.49
C PRO B 14 14.18 -1.15 23.13
N GLY B 15 14.60 0.11 23.11
CA GLY B 15 15.83 0.52 23.76
C GLY B 15 17.06 0.44 22.88
N GLN B 16 16.98 -0.28 21.77
CA GLN B 16 18.10 -0.37 20.83
C GLN B 16 18.06 0.82 19.86
N SER B 17 19.13 0.98 19.11
CA SER B 17 19.17 2.01 18.09
C SER B 17 18.92 1.40 16.73
N VAL B 18 18.50 2.25 15.81
CA VAL B 18 18.33 1.81 14.43
C VAL B 18 18.62 3.02 13.56
N THR B 19 19.25 2.77 12.42
CA THR B 19 19.60 3.82 11.47
C THR B 19 19.02 3.40 10.15
N ILE B 20 18.33 4.32 9.48
CA ILE B 20 17.81 4.01 8.17
C ILE B 20 18.36 5.03 7.18
N SER B 21 18.60 4.58 5.97
CA SER B 21 19.35 5.38 5.01
C SER B 21 18.43 5.86 3.90
N CYS B 22 18.84 6.96 3.28
CA CYS B 22 18.09 7.61 2.22
C CYS B 22 19.12 7.98 1.16
N THR B 23 19.12 7.31 0.01
CA THR B 23 20.18 7.48 -0.98
C THR B 23 19.62 8.18 -2.20
N GLY B 24 20.25 9.28 -2.58
CA GLY B 24 19.82 10.05 -3.72
C GLY B 24 21.02 10.20 -4.62
N THR B 25 21.09 11.31 -5.32
CA THR B 25 22.15 11.56 -6.29
C THR B 25 22.85 12.87 -5.93
N SER B 26 23.89 13.21 -6.71
CA SER B 26 24.67 14.39 -6.38
C SER B 26 23.87 15.68 -6.59
N SER B 27 22.80 15.63 -7.37
CA SER B 27 21.99 16.82 -7.62
C SER B 27 21.00 17.10 -6.50
N ASP B 28 20.71 16.12 -5.65
CA ASP B 28 19.73 16.38 -4.60
C ASP B 28 20.38 16.29 -3.23
N VAL B 29 20.48 15.08 -2.66
CA VAL B 29 21.02 14.93 -1.30
C VAL B 29 22.46 15.44 -1.23
N GLY B 30 23.25 15.22 -2.29
CA GLY B 30 24.62 15.72 -2.26
C GLY B 30 24.73 17.20 -2.49
N ALA B 31 23.79 17.79 -3.23
CA ALA B 31 23.83 19.21 -3.55
C ALA B 31 23.18 20.10 -2.51
N TYR B 32 22.35 19.57 -1.63
CA TYR B 32 21.57 20.41 -0.74
C TYR B 32 21.45 19.75 0.62
N ASN B 33 21.43 20.58 1.65
CA ASN B 33 21.11 20.13 2.99
C ASN B 33 19.62 20.23 3.29
N TYR B 34 18.76 19.96 2.33
CA TYR B 34 17.35 20.13 2.62
C TYR B 34 16.68 18.77 2.57
N VAL B 35 17.20 17.87 3.41
CA VAL B 35 16.70 16.53 3.55
C VAL B 35 15.80 16.50 4.77
N SER B 36 14.65 15.87 4.61
CA SER B 36 13.64 15.78 5.67
C SER B 36 13.31 14.34 5.93
N TRP B 37 12.74 14.09 7.10
CA TRP B 37 12.28 12.77 7.48
C TRP B 37 10.87 12.88 8.03
N TYR B 38 10.00 12.03 7.54
CA TYR B 38 8.59 12.00 7.92
C TYR B 38 8.26 10.64 8.51
N GLN B 39 7.52 10.68 9.58
CA GLN B 39 7.04 9.47 10.26
C GLN B 39 5.56 9.32 9.95
N GLN B 40 5.12 8.12 9.65
CA GLN B 40 3.71 7.95 9.39
C GLN B 40 3.20 6.69 10.05
N HIS B 41 2.23 6.86 10.95
CA HIS B 41 1.62 5.72 11.59
C HIS B 41 0.42 5.27 10.77
N PRO B 42 -0.02 4.01 10.92
CA PRO B 42 -1.13 3.50 10.10
C PRO B 42 -2.35 4.39 10.27
N GLY B 43 -2.91 4.81 9.15
CA GLY B 43 -4.14 5.58 9.20
C GLY B 43 -3.99 7.01 9.64
N LYS B 44 -2.77 7.55 9.66
CA LYS B 44 -2.54 8.89 10.12
C LYS B 44 -1.75 9.58 9.04
N ALA B 45 -1.80 10.89 9.06
CA ALA B 45 -0.98 11.67 8.17
C ALA B 45 0.48 11.58 8.58
N PRO B 46 1.40 11.78 7.66
CA PRO B 46 2.82 11.92 8.06
C PRO B 46 3.01 13.09 9.02
N LYS B 47 4.12 13.00 9.76
CA LYS B 47 4.57 14.08 10.62
C LYS B 47 6.04 14.29 10.30
N LEU B 48 6.45 15.54 10.24
CA LEU B 48 7.86 15.86 10.05
C LEU B 48 8.61 15.54 11.34
N MET B 49 9.64 14.72 11.23
CA MET B 49 10.51 14.36 12.33
C MET B 49 11.83 15.11 12.29
N ILE B 50 12.37 15.31 11.08
CA ILE B 50 13.67 15.94 10.87
C ILE B 50 13.57 16.82 9.64
N TYR B 51 14.10 18.04 9.72
CA TYR B 51 14.27 18.85 8.51
C TYR B 51 15.68 19.42 8.43
N GLU B 52 16.02 19.95 7.25
CA GLU B 52 17.32 20.52 7.00
C GLU B 52 18.41 19.60 7.54
N VAL B 53 18.28 18.30 7.18
CA VAL B 53 19.18 17.21 7.53
C VAL B 53 19.10 16.81 9.00
N ASN B 54 19.11 17.77 9.93
CA ASN B 54 19.33 17.38 11.32
C ASN B 54 18.50 18.17 12.33
N LYS B 55 17.57 19.01 11.90
CA LYS B 55 16.80 19.82 12.84
C LYS B 55 15.55 19.07 13.25
N ARG B 56 15.17 19.24 14.49
CA ARG B 56 13.94 18.60 14.97
C ARG B 56 12.90 19.67 15.25
N PRO B 57 11.72 19.52 14.70
CA PRO B 57 10.61 20.33 15.17
C PRO B 57 10.48 20.19 16.67
N SER B 58 9.92 21.23 17.27
CA SER B 58 9.56 21.18 18.67
C SER B 58 8.67 19.97 18.95
N GLY B 59 8.95 19.28 20.03
CA GLY B 59 8.07 18.16 20.32
C GLY B 59 8.37 16.89 19.53
N VAL B 60 9.47 16.84 18.81
CA VAL B 60 10.03 15.60 18.32
C VAL B 60 11.12 15.18 19.30
N PRO B 61 11.06 13.97 19.87
CA PRO B 61 12.03 13.58 20.91
C PRO B 61 13.43 13.63 20.36
N ASP B 62 14.39 14.00 21.21
CA ASP B 62 15.77 14.06 20.75
C ASP B 62 16.33 12.68 20.39
N ARG B 63 15.62 11.59 20.67
CA ARG B 63 16.16 10.30 20.24
C ARG B 63 16.14 10.12 18.72
N PHE B 64 15.45 10.99 17.98
CA PHE B 64 15.51 11.00 16.52
C PHE B 64 16.61 11.95 16.11
N SER B 65 17.56 11.47 15.34
CA SER B 65 18.57 12.41 14.85
C SER B 65 18.80 12.15 13.37
N GLY B 66 19.26 13.16 12.66
CA GLY B 66 19.47 13.05 11.23
C GLY B 66 20.87 13.50 10.86
N SER B 67 21.39 12.91 9.80
CA SER B 67 22.73 13.24 9.35
C SER B 67 22.77 12.99 7.85
N LYS B 68 23.87 13.39 7.22
CA LYS B 68 24.04 13.16 5.80
C LYS B 68 25.53 12.98 5.55
N SER B 69 25.84 12.03 4.69
CA SER B 69 27.20 11.78 4.21
C SER B 69 27.09 11.48 2.73
N GLY B 70 27.70 12.33 1.90
CA GLY B 70 27.68 12.06 0.47
C GLY B 70 26.30 12.30 -0.12
N ASN B 71 25.80 11.30 -0.83
CA ASN B 71 24.49 11.35 -1.45
C ASN B 71 23.46 10.60 -0.61
N THR B 72 23.81 10.31 0.64
CA THR B 72 22.98 9.51 1.54
C THR B 72 22.68 10.31 2.78
N ALA B 73 21.40 10.42 3.10
CA ALA B 73 20.98 10.95 4.38
C ALA B 73 20.61 9.76 5.27
N SER B 74 20.73 9.95 6.58
CA SER B 74 20.34 8.88 7.50
C SER B 74 19.57 9.44 8.68
N LEU B 75 18.54 8.69 9.08
CA LEU B 75 17.76 8.90 10.28
C LEU B 75 18.15 7.83 11.29
N THR B 76 18.52 8.24 12.49
CA THR B 76 18.85 7.32 13.57
C THR B 76 17.86 7.52 14.70
N VAL B 77 17.29 6.41 15.19
CA VAL B 77 16.46 6.44 16.40
C VAL B 77 17.26 5.77 17.51
N SER B 78 17.65 6.55 18.53
CA SER B 78 18.50 6.05 19.61
C SER B 78 17.64 5.73 20.83
N GLY B 79 17.35 4.45 21.02
CA GLY B 79 16.53 4.07 22.15
C GLY B 79 15.10 3.92 21.71
N LEU B 80 14.87 2.96 20.85
CA LEU B 80 13.56 2.85 20.24
C LEU B 80 12.50 2.61 21.30
N GLN B 81 11.37 3.25 21.10
CA GLN B 81 10.18 2.93 21.87
C GLN B 81 9.13 2.38 20.92
N ALA B 82 8.20 1.60 21.48
CA ALA B 82 7.27 0.88 20.62
C ALA B 82 6.51 1.83 19.68
N GLU B 83 6.19 3.01 20.16
CA GLU B 83 5.48 3.96 19.31
C GLU B 83 6.34 4.47 18.18
N ASP B 84 7.66 4.19 18.20
CA ASP B 84 8.42 4.62 17.02
C ASP B 84 8.16 3.70 15.82
N GLU B 85 7.56 2.55 16.03
CA GLU B 85 7.21 1.67 14.89
C GLU B 85 6.30 2.41 13.96
N ALA B 86 6.70 2.58 12.71
CA ALA B 86 5.95 3.42 11.78
C ALA B 86 6.65 3.27 10.44
N ASP B 87 6.07 3.89 9.42
CA ASP B 87 6.74 4.11 8.15
C ASP B 87 7.48 5.43 8.21
N TYR B 88 8.73 5.42 7.75
CA TYR B 88 9.53 6.62 7.71
C TYR B 88 9.87 6.91 6.28
N TYR B 89 9.63 8.13 5.82
CA TYR B 89 10.04 8.56 4.49
C TYR B 89 11.09 9.63 4.61
N CYS B 90 12.16 9.54 3.83
CA CYS B 90 12.94 10.76 3.69
C CYS B 90 12.34 11.59 2.56
N GLY B 91 12.79 12.82 2.48
CA GLY B 91 12.32 13.74 1.46
C GLY B 91 13.46 14.66 1.13
N SER B 92 13.56 15.06 -0.13
CA SER B 92 14.60 16.02 -0.48
C SER B 92 14.11 17.02 -1.53
N PHE B 93 14.43 18.27 -1.31
CA PHE B 93 14.52 19.23 -2.40
C PHE B 93 15.21 18.63 -3.61
N ALA B 94 14.85 19.08 -4.81
CA ALA B 94 15.46 18.64 -6.07
C ALA B 94 15.31 17.15 -6.35
N VAL B 95 14.44 16.45 -5.62
CA VAL B 95 13.98 15.11 -6.04
C VAL B 95 12.58 15.28 -6.60
N SER B 96 12.32 14.66 -7.77
CA SER B 96 11.14 15.04 -8.56
C SER B 96 9.84 14.78 -7.81
N SER B 97 9.72 13.65 -7.12
CA SER B 97 8.55 13.42 -6.27
C SER B 97 8.81 13.69 -4.78
N VAL B 98 10.00 14.23 -4.44
CA VAL B 98 10.41 14.65 -3.10
C VAL B 98 10.69 13.50 -2.17
N PHE B 99 9.73 12.60 -1.98
CA PHE B 99 9.77 11.60 -0.92
C PHE B 99 10.52 10.34 -1.34
N GLY B 100 11.27 9.77 -0.40
CA GLY B 100 11.89 8.48 -0.61
C GLY B 100 10.85 7.36 -0.71
N THR B 101 11.37 6.16 -1.01
CA THR B 101 10.52 4.99 -1.16
C THR B 101 10.02 4.45 0.17
N GLY B 102 10.54 4.94 1.29
CA GLY B 102 9.89 4.59 2.55
C GLY B 102 10.45 3.33 3.18
N THR B 103 10.47 3.33 4.52
CA THR B 103 11.03 2.22 5.29
C THR B 103 10.06 1.90 6.40
N LYS B 104 9.64 0.65 6.51
CA LYS B 104 8.91 0.27 7.69
C LYS B 104 9.90 -0.04 8.78
N VAL B 105 9.84 0.73 9.84
CA VAL B 105 10.66 0.47 11.01
C VAL B 105 9.81 -0.33 11.97
N THR B 106 10.25 -1.51 12.34
CA THR B 106 9.52 -2.33 13.30
C THR B 106 10.23 -2.26 14.63
N VAL B 107 9.48 -2.06 15.71
CA VAL B 107 10.07 -2.18 17.03
C VAL B 107 9.71 -3.58 17.51
N LEU B 108 10.73 -4.41 17.70
CA LEU B 108 10.51 -5.85 17.72
C LEU B 108 9.75 -6.26 18.97
N GLY B 109 8.67 -6.97 18.79
CA GLY B 109 7.89 -7.39 19.96
C GLY B 109 7.60 -8.87 19.97
N GLN B 110 8.13 -9.59 18.99
CA GLN B 110 7.94 -11.02 18.97
C GLN B 110 9.02 -11.60 18.09
N PRO B 111 9.20 -12.90 18.10
CA PRO B 111 10.34 -13.48 17.37
C PRO B 111 10.13 -13.33 15.88
N LYS B 112 11.25 -13.24 15.18
CA LYS B 112 11.21 -13.18 13.72
C LYS B 112 10.50 -14.43 13.25
N ALA B 113 9.63 -14.28 12.25
CA ALA B 113 8.87 -15.41 11.74
C ALA B 113 8.95 -15.38 10.22
N ASN B 114 9.38 -16.47 9.63
CA ASN B 114 9.54 -16.50 8.19
C ASN B 114 8.23 -16.72 7.48
N PRO B 115 8.06 -16.14 6.30
CA PRO B 115 6.75 -16.16 5.65
C PRO B 115 6.44 -17.52 5.07
N THR B 116 5.17 -17.89 5.10
CA THR B 116 4.68 -18.97 4.27
C THR B 116 4.12 -18.35 3.00
N VAL B 117 4.41 -18.93 1.85
CA VAL B 117 3.91 -18.34 0.62
C VAL B 117 3.01 -19.37 -0.01
N THR B 118 1.80 -18.96 -0.38
CA THR B 118 0.82 -19.86 -0.97
C THR B 118 0.43 -19.24 -2.27
N LEU B 119 0.62 -19.96 -3.36
CA LEU B 119 0.41 -19.36 -4.66
C LEU B 119 -0.68 -20.17 -5.32
N PHE B 120 -1.80 -19.53 -5.59
CA PHE B 120 -2.89 -20.16 -6.32
C PHE B 120 -2.87 -19.77 -7.77
N PRO B 121 -2.92 -20.73 -8.70
CA PRO B 121 -3.12 -20.40 -10.09
C PRO B 121 -4.53 -19.92 -10.33
N PRO B 122 -4.82 -19.34 -11.50
CA PRO B 122 -6.22 -19.04 -11.84
C PRO B 122 -7.08 -20.30 -11.66
N SER B 123 -8.23 -20.13 -11.01
CA SER B 123 -9.21 -21.23 -10.94
C SER B 123 -9.85 -21.51 -12.30
N SER B 124 -10.27 -22.76 -12.50
CA SER B 124 -10.96 -23.11 -13.73
C SER B 124 -12.15 -22.17 -13.93
N GLU B 125 -12.84 -21.84 -12.83
CA GLU B 125 -14.04 -21.03 -12.96
C GLU B 125 -13.69 -19.64 -13.44
N GLU B 126 -12.61 -19.05 -12.88
CA GLU B 126 -12.28 -17.72 -13.34
C GLU B 126 -11.84 -17.76 -14.80
N LEU B 127 -11.06 -18.78 -15.18
CA LEU B 127 -10.68 -18.91 -16.57
C LEU B 127 -11.92 -18.99 -17.45
N GLN B 128 -12.97 -19.64 -16.95
CA GLN B 128 -14.16 -19.77 -17.79
C GLN B 128 -14.89 -18.46 -17.90
N ALA B 129 -14.73 -17.59 -16.90
CA ALA B 129 -15.20 -16.22 -16.97
C ALA B 129 -14.22 -15.31 -17.71
N ASN B 130 -13.26 -15.90 -18.43
CA ASN B 130 -12.34 -15.17 -19.32
C ASN B 130 -11.34 -14.30 -18.57
N LYS B 131 -11.00 -14.66 -17.35
CA LYS B 131 -10.02 -13.92 -16.58
C LYS B 131 -9.03 -14.88 -15.98
N ALA B 132 -7.90 -14.33 -15.52
CA ALA B 132 -6.87 -15.20 -15.00
C ALA B 132 -6.14 -14.39 -13.94
N THR B 133 -6.40 -14.72 -12.69
CA THR B 133 -5.69 -14.09 -11.59
C THR B 133 -4.85 -15.13 -10.87
N LEU B 134 -3.54 -14.87 -10.78
CA LEU B 134 -2.72 -15.60 -9.82
C LEU B 134 -2.78 -14.87 -8.49
N VAL B 135 -2.95 -15.62 -7.40
CA VAL B 135 -3.13 -15.08 -6.06
C VAL B 135 -1.98 -15.59 -5.23
N CYS B 136 -1.17 -14.68 -4.72
CA CYS B 136 -0.01 -15.05 -3.92
C CYS B 136 -0.30 -14.58 -2.51
N LEU B 137 -0.54 -15.52 -1.58
CA LEU B 137 -0.87 -15.15 -0.22
C LEU B 137 0.38 -15.39 0.62
N ILE B 138 0.74 -14.40 1.44
CA ILE B 138 1.97 -14.46 2.21
C ILE B 138 1.57 -14.38 3.66
N SER B 139 1.95 -15.36 4.48
CA SER B 139 1.29 -15.40 5.81
C SER B 139 2.33 -15.67 6.89
N ASP B 140 1.98 -15.32 8.12
CA ASP B 140 2.76 -15.77 9.27
C ASP B 140 4.18 -15.22 9.28
N PHE B 141 4.37 -13.97 8.83
CA PHE B 141 5.71 -13.43 8.91
C PHE B 141 5.78 -12.30 9.93
N TYR B 142 7.01 -11.99 10.32
CA TYR B 142 7.26 -10.93 11.29
C TYR B 142 8.76 -10.72 11.20
N PRO B 143 9.25 -9.48 11.11
CA PRO B 143 8.49 -8.22 11.07
C PRO B 143 7.53 -8.15 9.88
N GLY B 144 6.54 -7.27 9.99
CA GLY B 144 5.51 -7.18 8.97
C GLY B 144 5.92 -6.30 7.80
N ALA B 145 6.92 -6.74 7.04
CA ALA B 145 7.38 -5.97 5.88
C ALA B 145 7.85 -7.01 4.88
N VAL B 146 7.32 -6.99 3.66
CA VAL B 146 7.84 -7.89 2.65
C VAL B 146 7.92 -7.11 1.36
N THR B 147 8.68 -7.64 0.44
N THR B 147 8.68 -7.62 0.40
CA THR B 147 8.66 -7.19 -0.95
CA THR B 147 8.49 -7.12 -0.95
C THR B 147 8.16 -8.39 -1.75
C THR B 147 8.31 -8.28 -1.89
N VAL B 148 7.30 -8.15 -2.73
CA VAL B 148 6.78 -9.21 -3.58
C VAL B 148 7.18 -8.87 -4.99
N ALA B 149 7.72 -9.86 -5.69
CA ALA B 149 8.06 -9.71 -7.08
C ALA B 149 7.48 -10.92 -7.79
N TRP B 150 7.07 -10.71 -9.04
CA TRP B 150 6.51 -11.78 -9.82
C TRP B 150 7.41 -12.06 -11.00
N LYS B 151 7.43 -13.33 -11.43
CA LYS B 151 8.18 -13.72 -12.60
C LYS B 151 7.24 -14.48 -13.52
N ALA B 152 7.51 -14.37 -14.80
CA ALA B 152 6.93 -15.27 -15.79
C ALA B 152 8.08 -15.89 -16.56
N ASP B 153 8.13 -17.21 -16.61
CA ASP B 153 9.25 -17.89 -17.24
C ASP B 153 10.58 -17.32 -16.77
N GLY B 154 10.67 -17.01 -15.48
CA GLY B 154 11.91 -16.48 -14.95
C GLY B 154 12.18 -15.01 -15.21
N SER B 155 11.36 -14.35 -15.98
CA SER B 155 11.65 -12.93 -16.12
C SER B 155 10.73 -12.09 -15.25
N PRO B 156 11.25 -10.98 -14.73
CA PRO B 156 10.42 -10.13 -13.87
C PRO B 156 9.18 -9.64 -14.60
N VAL B 157 8.09 -9.60 -13.88
CA VAL B 157 6.80 -9.17 -14.38
C VAL B 157 6.36 -8.01 -13.50
N LYS B 158 6.20 -6.83 -14.08
CA LYS B 158 5.66 -5.73 -13.30
C LYS B 158 4.26 -5.33 -13.69
N ALA B 159 3.88 -5.44 -14.97
CA ALA B 159 2.52 -5.04 -15.32
C ALA B 159 1.56 -6.04 -14.71
N GLY B 160 0.42 -5.55 -14.26
CA GLY B 160 -0.67 -6.40 -13.81
C GLY B 160 -0.57 -6.86 -12.37
N VAL B 161 0.35 -6.31 -11.59
CA VAL B 161 0.56 -6.71 -10.21
C VAL B 161 -0.10 -5.70 -9.29
N GLU B 162 -0.83 -6.19 -8.29
CA GLU B 162 -1.28 -5.37 -7.19
C GLU B 162 -0.95 -6.11 -5.91
N THR B 163 -0.40 -5.41 -4.91
CA THR B 163 0.06 -6.05 -3.70
C THR B 163 -0.50 -5.24 -2.54
N THR B 164 -0.96 -5.93 -1.51
CA THR B 164 -1.50 -5.23 -0.35
C THR B 164 -0.40 -5.05 0.68
N LYS B 165 -0.55 -4.01 1.47
CA LYS B 165 0.42 -3.74 2.53
C LYS B 165 0.21 -4.76 3.64
N PRO B 166 1.28 -5.29 4.23
CA PRO B 166 1.08 -6.30 5.25
C PRO B 166 0.19 -5.83 6.38
N SER B 167 -0.63 -6.74 6.92
CA SER B 167 -1.47 -6.31 8.02
C SER B 167 -1.54 -7.51 8.93
N LYS B 168 -1.92 -7.27 10.15
CA LYS B 168 -1.86 -8.30 11.17
C LYS B 168 -2.92 -9.38 10.99
N GLN B 169 -2.50 -10.62 11.18
CA GLN B 169 -3.35 -11.78 11.34
C GLN B 169 -3.87 -11.81 12.75
N SER B 170 -4.81 -12.70 12.97
CA SER B 170 -5.30 -12.72 14.34
C SER B 170 -4.30 -13.38 15.27
N ASN B 171 -3.31 -14.14 14.76
CA ASN B 171 -2.23 -14.61 15.64
C ASN B 171 -1.09 -13.59 15.80
N ASN B 172 -1.31 -12.35 15.34
CA ASN B 172 -0.45 -11.16 15.42
C ASN B 172 0.82 -11.26 14.61
N LYS B 173 1.02 -12.35 13.84
CA LYS B 173 1.99 -12.27 12.75
C LYS B 173 1.33 -11.53 11.60
N TYR B 174 2.08 -11.27 10.52
CA TYR B 174 1.53 -10.49 9.43
C TYR B 174 1.24 -11.37 8.21
N ALA B 175 0.39 -10.84 7.35
CA ALA B 175 0.05 -11.47 6.08
C ALA B 175 -0.02 -10.37 5.03
N ALA B 176 0.24 -10.75 3.80
CA ALA B 176 0.04 -9.80 2.72
C ALA B 176 -0.41 -10.62 1.52
N SER B 177 -0.87 -9.92 0.48
CA SER B 177 -1.41 -10.61 -0.69
C SER B 177 -0.90 -9.90 -1.93
N SER B 178 -0.78 -10.65 -3.01
CA SER B 178 -0.36 -10.04 -4.24
C SER B 178 -1.06 -10.79 -5.36
N TYR B 179 -1.38 -10.06 -6.40
CA TYR B 179 -2.20 -10.58 -7.49
C TYR B 179 -1.50 -10.29 -8.78
N LEU B 180 -1.47 -11.27 -9.66
CA LEU B 180 -0.99 -11.02 -11.01
C LEU B 180 -2.19 -11.28 -11.90
N SER B 181 -2.74 -10.23 -12.50
CA SER B 181 -3.97 -10.30 -13.28
C SER B 181 -3.55 -10.43 -14.73
N LEU B 182 -3.91 -11.54 -15.34
CA LEU B 182 -3.57 -11.87 -16.70
C LEU B 182 -4.85 -12.16 -17.48
N THR B 183 -4.74 -12.12 -18.80
CA THR B 183 -5.77 -12.75 -19.61
C THR B 183 -5.53 -14.25 -19.65
N PRO B 184 -6.57 -15.03 -19.99
CA PRO B 184 -6.33 -16.47 -20.05
C PRO B 184 -5.26 -16.79 -21.09
N GLU B 185 -5.20 -16.02 -22.18
CA GLU B 185 -4.18 -16.23 -23.20
C GLU B 185 -2.79 -15.97 -22.63
N GLN B 186 -2.63 -14.86 -21.90
CA GLN B 186 -1.35 -14.61 -21.26
C GLN B 186 -0.99 -15.76 -20.33
N TRP B 187 -1.96 -16.18 -19.53
CA TRP B 187 -1.72 -17.27 -18.59
C TRP B 187 -1.14 -18.49 -19.30
N LYS B 188 -1.74 -18.87 -20.44
CA LYS B 188 -1.33 -20.12 -21.09
C LYS B 188 -0.06 -19.98 -21.92
N SER B 189 0.39 -18.75 -22.18
CA SER B 189 1.52 -18.46 -23.04
C SER B 189 2.87 -18.51 -22.33
N HIS B 190 2.93 -18.95 -21.07
CA HIS B 190 4.18 -19.11 -20.36
C HIS B 190 4.23 -20.48 -19.70
N ARG B 191 5.46 -20.95 -19.44
CA ARG B 191 5.70 -22.24 -18.82
C ARG B 191 5.49 -22.18 -17.32
N SER B 192 5.87 -21.08 -16.70
CA SER B 192 5.74 -20.98 -15.28
C SER B 192 5.60 -19.53 -14.89
N TYR B 193 5.15 -19.35 -13.68
CA TYR B 193 5.07 -18.06 -13.04
C TYR B 193 5.53 -18.27 -11.63
N SER B 194 6.10 -17.22 -11.04
CA SER B 194 6.54 -17.33 -9.67
C SER B 194 6.12 -16.09 -8.93
N CYS B 195 5.87 -16.30 -7.66
CA CYS B 195 5.67 -15.28 -6.65
C CYS B 195 6.87 -15.34 -5.74
N GLN B 196 7.64 -14.26 -5.71
CA GLN B 196 8.87 -14.21 -4.92
C GLN B 196 8.72 -13.18 -3.82
N VAL B 197 8.83 -13.63 -2.57
CA VAL B 197 8.68 -12.77 -1.40
C VAL B 197 10.04 -12.60 -0.76
N THR B 198 10.46 -11.36 -0.57
CA THR B 198 11.66 -11.03 0.17
C THR B 198 11.25 -10.56 1.54
N HIS B 199 11.78 -11.22 2.55
CA HIS B 199 11.49 -10.93 3.93
C HIS B 199 12.80 -10.94 4.66
N GLU B 200 13.14 -9.81 5.25
CA GLU B 200 14.34 -9.68 6.07
C GLU B 200 15.55 -10.19 5.30
N GLY B 201 15.66 -9.73 4.06
CA GLY B 201 16.86 -9.95 3.31
C GLY B 201 16.94 -11.30 2.63
N SER B 202 15.94 -12.17 2.78
CA SER B 202 15.97 -13.48 2.14
C SER B 202 14.66 -13.70 1.41
N THR B 203 14.66 -14.65 0.48
CA THR B 203 13.54 -14.73 -0.43
C THR B 203 13.03 -16.14 -0.45
N VAL B 204 11.70 -16.27 -0.54
CA VAL B 204 11.00 -17.52 -0.73
C VAL B 204 10.17 -17.35 -2.01
N GLU B 205 10.23 -18.33 -2.89
CA GLU B 205 9.59 -18.18 -4.16
C GLU B 205 8.75 -19.43 -4.40
N LYS B 206 7.50 -19.24 -4.82
CA LYS B 206 6.63 -20.33 -5.16
C LYS B 206 6.37 -20.25 -6.65
N THR B 207 6.28 -21.40 -7.31
CA THR B 207 6.06 -21.42 -8.74
C THR B 207 4.81 -22.24 -9.09
N VAL B 208 4.08 -21.81 -10.11
CA VAL B 208 2.99 -22.61 -10.63
C VAL B 208 3.17 -22.63 -12.15
N ALA B 209 2.52 -23.58 -12.77
CA ALA B 209 2.55 -23.71 -14.22
C ALA B 209 1.16 -23.98 -14.73
N PRO B 210 0.78 -23.35 -15.86
CA PRO B 210 -0.56 -23.59 -16.44
C PRO B 210 -0.86 -25.05 -16.76
N THR B 211 0.17 -25.86 -17.01
CA THR B 211 0.07 -27.28 -17.32
C THR B 211 0.18 -28.17 -16.08
N GLU B 212 0.42 -27.61 -14.93
N GLU B 212 0.42 -27.58 -14.92
CA GLU B 212 0.69 -28.39 -13.73
CA GLU B 212 0.69 -28.30 -13.68
C GLU B 212 -0.42 -28.14 -12.71
C GLU B 212 -0.49 -28.12 -12.73
N CYS B 213 -1.04 -29.23 -12.25
CA CYS B 213 -2.06 -29.18 -11.22
C CYS B 213 -1.39 -28.74 -9.92
N SER B 214 -1.51 -27.46 -9.58
CA SER B 214 -0.76 -26.96 -8.43
C SER B 214 -1.26 -27.57 -7.12
CL CL C . 9.27 24.68 11.41
CL CL D . -9.24 -11.71 9.04
CL CL E . -2.99 31.66 -6.48
C TRS F . 5.96 1.43 1.94
C1 TRS F . 4.72 2.10 1.37
C2 TRS F . 5.61 0.08 2.57
C3 TRS F . 6.95 1.24 0.81
N TRS F . 6.56 2.27 2.97
O1 TRS F . 3.68 1.99 2.32
O2 TRS F . 6.34 -0.06 3.77
O3 TRS F . 8.17 0.81 1.36
CL CL G . 4.73 -7.67 18.14
CL CL H . -4.05 -16.48 12.30
CL CL I . 12.19 -10.54 20.74
MG MG J . 6.31 -3.37 17.31
#